data_6GY3
#
_entry.id   6GY3
#
_cell.length_a   63.320
_cell.length_b   76.150
_cell.length_c   117.400
_cell.angle_alpha   90.00
_cell.angle_beta   90.00
_cell.angle_gamma   90.00
#
_symmetry.space_group_name_H-M   'P 21 21 21'
#
loop_
_entity.id
_entity.type
_entity.pdbx_description
1 polymer 'AmtR protein'
2 polymer "DNA (5'-D(*GP*TP*CP*TP*AP*TP*AP*GP*AP*TP*CP*GP*AP*TP*AP*GP*AP*C)-3')"
3 polymer "DNA (5'-D(*GP*TP*CP*TP*AP*TP*CP*GP*AP*TP*CP*TP*AP*TP*AP*GP*AP*C)-3')"
#
loop_
_entity_poly.entity_id
_entity_poly.type
_entity_poly.pdbx_seq_one_letter_code
_entity_poly.pdbx_strand_id
1 'polypeptide(L)'
;NPREEILDASAELFTRQGFATTSTHQIADAVGIRQASLYYHFPSKTEIFLTLLKSTVEPSTVLAEDLSTLDAGPEMRLWA
IVASEVRLLLSTKWNVGRLYQLPIVGSEEFAEYHSQREALTNVFRDLATEIVGDDPRAELPFHITMSVIEMRRNDGKIPS
PLSADSLPETAIMLADASLAVLGAPLPADRVEKTLELIKQAD
;
A,B
2 'polydeoxyribonucleotide' (DG)(DT)(DC)(DT)(DA)(DT)(DA)(DG)(DA)(DT)(DC)(DG)(DA)(DT)(DA)(DG)(DA)(DC) C
3 'polydeoxyribonucleotide' (DG)(DT)(DC)(DT)(DA)(DT)(DC)(DG)(DA)(DT)(DC)(DT)(DA)(DT)(DA)(DG)(DA)(DC) D
#
# COMPACT_ATOMS: atom_id res chain seq x y z
N ASN A 1 18.90 -0.23 -27.38
CA ASN A 1 19.39 -1.57 -27.06
C ASN A 1 20.15 -1.60 -25.72
N PRO A 2 21.21 -0.76 -25.55
CA PRO A 2 21.88 -0.72 -24.25
C PRO A 2 21.08 0.06 -23.21
N ARG A 3 20.29 1.03 -23.69
CA ARG A 3 19.41 1.77 -22.79
C ARG A 3 18.34 0.88 -22.19
N GLU A 4 17.88 -0.12 -22.94
CA GLU A 4 16.82 -0.99 -22.43
C GLU A 4 17.36 -1.96 -21.37
N GLU A 5 18.59 -2.43 -21.53
CA GLU A 5 19.17 -3.32 -20.52
C GLU A 5 19.43 -2.58 -19.22
N ILE A 6 19.82 -1.31 -19.30
CA ILE A 6 20.01 -0.51 -18.08
C ILE A 6 18.67 -0.26 -17.40
N LEU A 7 17.64 0.08 -18.18
CA LEU A 7 16.33 0.32 -17.62
C LEU A 7 15.73 -0.95 -17.04
N ASP A 8 15.98 -2.11 -17.67
CA ASP A 8 15.44 -3.36 -17.16
C ASP A 8 16.13 -3.77 -15.87
N ALA A 9 17.46 -3.62 -15.82
CA ALA A 9 18.19 -3.92 -14.59
C ALA A 9 17.82 -2.94 -13.49
N SER A 10 17.65 -1.66 -13.83
CA SER A 10 17.25 -0.67 -12.84
C SER A 10 15.82 -0.91 -12.39
N ALA A 11 14.94 -1.33 -13.32
CA ALA A 11 13.58 -1.68 -12.94
C ALA A 11 13.58 -2.78 -11.89
N GLU A 12 14.39 -3.82 -12.09
CA GLU A 12 14.46 -4.91 -11.13
C GLU A 12 15.01 -4.43 -9.79
N LEU A 13 16.11 -3.69 -9.82
CA LEU A 13 16.76 -3.30 -8.57
C LEU A 13 15.93 -2.28 -7.79
N PHE A 14 15.35 -1.30 -8.49
CA PHE A 14 14.58 -0.27 -7.80
C PHE A 14 13.31 -0.84 -7.17
N THR A 15 12.60 -1.69 -7.91
CA THR A 15 11.36 -2.26 -7.39
C THR A 15 11.61 -3.16 -6.18
N ARG A 16 12.72 -3.89 -6.17
CA ARG A 16 12.99 -4.83 -5.08
C ARG A 16 13.74 -4.20 -3.92
N GLN A 17 14.65 -3.27 -4.17
CA GLN A 17 15.50 -2.72 -3.13
C GLN A 17 15.24 -1.25 -2.84
N GLY A 18 14.65 -0.51 -3.77
CA GLY A 18 14.46 0.92 -3.62
C GLY A 18 15.56 1.71 -4.31
N PHE A 19 15.36 3.02 -4.34
CA PHE A 19 16.29 3.89 -5.04
C PHE A 19 17.56 4.12 -4.23
N ALA A 20 17.42 4.40 -2.93
CA ALA A 20 18.57 4.79 -2.13
C ALA A 20 19.54 3.63 -1.92
N THR A 21 19.02 2.43 -1.65
CA THR A 21 19.89 1.29 -1.38
C THR A 21 20.55 0.74 -2.65
N THR A 22 19.99 1.01 -3.81
CA THR A 22 20.58 0.55 -5.06
C THR A 22 21.73 1.48 -5.48
N SER A 23 22.84 0.89 -5.89
CA SER A 23 24.00 1.64 -6.32
C SER A 23 24.15 1.54 -7.84
N THR A 24 24.75 2.58 -8.43
CA THR A 24 25.05 2.54 -9.85
C THR A 24 25.93 1.35 -10.22
N HIS A 25 26.84 0.97 -9.33
CA HIS A 25 27.66 -0.21 -9.57
C HIS A 25 26.80 -1.46 -9.69
N GLN A 26 25.81 -1.60 -8.81
CA GLN A 26 24.90 -2.74 -8.88
C GLN A 26 24.13 -2.76 -10.19
N ILE A 27 23.71 -1.60 -10.67
CA ILE A 27 23.02 -1.52 -11.95
C ILE A 27 23.95 -1.95 -13.08
N ALA A 28 25.20 -1.49 -13.05
CA ALA A 28 26.14 -1.80 -14.12
C ALA A 28 26.50 -3.28 -14.14
N ASP A 29 26.60 -3.91 -12.96
CA ASP A 29 26.97 -5.33 -12.92
C ASP A 29 25.88 -6.21 -13.51
N ALA A 30 24.61 -5.85 -13.33
CA ALA A 30 23.54 -6.62 -13.93
C ALA A 30 23.55 -6.48 -15.45
N VAL A 31 23.88 -5.29 -15.95
CA VAL A 31 24.01 -5.10 -17.40
C VAL A 31 25.24 -5.83 -17.93
N GLY A 32 26.30 -5.89 -17.14
CA GLY A 32 27.55 -6.46 -17.59
C GLY A 32 28.64 -5.47 -17.95
N ILE A 33 28.50 -4.21 -17.55
CA ILE A 33 29.50 -3.18 -17.85
C ILE A 33 30.04 -2.63 -16.53
N ARG A 34 30.78 -1.53 -16.61
CA ARG A 34 31.35 -0.90 -15.44
C ARG A 34 30.54 0.33 -15.05
N GLN A 35 30.73 0.77 -13.80
CA GLN A 35 29.84 1.77 -13.22
C GLN A 35 29.88 3.07 -14.00
N ALA A 36 31.08 3.49 -14.43
CA ALA A 36 31.22 4.74 -15.14
C ALA A 36 30.51 4.72 -16.49
N SER A 37 30.41 3.55 -17.13
CA SER A 37 29.83 3.46 -18.45
C SER A 37 28.34 3.79 -18.46
N LEU A 38 27.67 3.72 -17.30
CA LEU A 38 26.27 4.09 -17.23
C LEU A 38 26.06 5.54 -17.66
N TYR A 39 27.02 6.41 -17.36
CA TYR A 39 26.85 7.84 -17.56
C TYR A 39 27.04 8.26 -19.01
N TYR A 40 27.35 7.31 -19.89
CA TYR A 40 27.25 7.58 -21.32
C TYR A 40 25.79 7.65 -21.77
N HIS A 41 24.96 6.73 -21.28
CA HIS A 41 23.57 6.64 -21.70
C HIS A 41 22.63 7.49 -20.85
N PHE A 42 22.99 7.74 -19.59
CA PHE A 42 22.15 8.52 -18.69
C PHE A 42 22.99 9.55 -17.96
N PRO A 43 22.40 10.72 -17.64
CA PRO A 43 23.18 11.77 -16.97
C PRO A 43 23.40 11.51 -15.49
N SER A 44 22.43 10.89 -14.83
CA SER A 44 22.51 10.66 -13.39
C SER A 44 21.68 9.45 -13.03
N LYS A 45 21.98 8.89 -11.85
CA LYS A 45 21.18 7.80 -11.32
C LYS A 45 19.72 8.23 -11.13
N THR A 46 19.50 9.49 -10.77
CA THR A 46 18.13 10.00 -10.64
C THR A 46 17.41 9.95 -11.98
N GLU A 47 18.10 10.31 -13.06
CA GLU A 47 17.46 10.34 -14.37
C GLU A 47 17.03 8.95 -14.81
N ILE A 48 17.78 7.92 -14.43
CA ILE A 48 17.33 6.54 -14.69
C ILE A 48 16.02 6.28 -13.97
N PHE A 49 15.92 6.71 -12.71
CA PHE A 49 14.71 6.51 -11.94
C PHE A 49 13.54 7.30 -12.54
N LEU A 50 13.78 8.54 -12.97
CA LEU A 50 12.72 9.35 -13.53
C LEU A 50 12.16 8.74 -14.82
N THR A 51 13.04 8.17 -15.66
CA THR A 51 12.60 7.55 -16.89
C THR A 51 11.66 6.37 -16.61
N LEU A 52 12.00 5.54 -15.62
CA LEU A 52 11.12 4.43 -15.27
C LEU A 52 9.82 4.92 -14.64
N LEU A 53 9.91 5.91 -13.76
CA LEU A 53 8.71 6.43 -13.09
C LEU A 53 7.79 7.11 -14.09
N LYS A 54 8.34 7.88 -15.02
CA LYS A 54 7.52 8.60 -15.98
C LYS A 54 6.83 7.64 -16.96
N SER A 55 7.44 6.48 -17.21
CA SER A 55 6.84 5.46 -18.07
C SER A 55 5.79 4.62 -17.35
N THR A 56 5.53 4.89 -16.07
CA THR A 56 4.46 4.23 -15.32
C THR A 56 3.37 5.20 -14.89
N VAL A 57 3.74 6.36 -14.38
CA VAL A 57 2.76 7.32 -13.86
C VAL A 57 1.88 7.86 -14.99
N GLU A 58 2.51 8.28 -16.10
CA GLU A 58 1.74 9.01 -17.12
C GLU A 58 0.84 8.10 -17.96
N PRO A 59 1.22 6.86 -18.29
CA PRO A 59 0.23 5.98 -18.95
C PRO A 59 -0.90 5.61 -18.03
N SER A 60 -0.65 5.57 -16.71
CA SER A 60 -1.73 5.31 -15.76
C SER A 60 -2.69 6.49 -15.68
N THR A 61 -2.16 7.72 -15.74
CA THR A 61 -3.01 8.89 -15.57
C THR A 61 -3.77 9.22 -16.85
N VAL A 62 -3.14 9.07 -18.02
CA VAL A 62 -3.83 9.39 -19.25
C VAL A 62 -4.87 8.33 -19.58
N LEU A 63 -4.67 7.09 -19.13
CA LEU A 63 -5.67 6.05 -19.35
C LEU A 63 -6.95 6.34 -18.56
N ALA A 64 -6.81 6.65 -17.27
CA ALA A 64 -7.98 6.93 -16.45
C ALA A 64 -8.65 8.23 -16.87
N GLU A 65 -7.86 9.24 -17.26
CA GLU A 65 -8.43 10.50 -17.69
C GLU A 65 -9.11 10.38 -19.04
N ASP A 66 -8.69 9.42 -19.87
CA ASP A 66 -9.33 9.23 -21.17
C ASP A 66 -10.65 8.47 -21.05
N LEU A 67 -10.76 7.53 -20.11
CA LEU A 67 -11.98 6.75 -19.96
C LEU A 67 -13.04 7.46 -19.14
N SER A 68 -12.67 8.52 -18.41
CA SER A 68 -13.67 9.30 -17.68
C SER A 68 -14.49 10.16 -18.63
N THR A 69 -13.92 10.53 -19.78
CA THR A 69 -14.65 11.34 -20.75
C THR A 69 -15.77 10.55 -21.43
N LEU A 70 -15.57 9.24 -21.62
CA LEU A 70 -16.47 8.44 -22.44
C LEU A 70 -17.87 8.39 -21.84
N ASP A 71 -18.84 8.08 -22.70
CA ASP A 71 -20.26 8.11 -22.35
C ASP A 71 -20.68 6.77 -21.77
N ALA A 72 -20.87 6.72 -20.46
CA ALA A 72 -21.36 5.54 -19.77
C ALA A 72 -21.84 5.95 -18.38
N GLY A 73 -22.40 4.99 -17.64
CA GLY A 73 -22.79 5.24 -16.28
C GLY A 73 -21.58 5.38 -15.37
N PRO A 74 -21.74 6.08 -14.25
CA PRO A 74 -20.61 6.22 -13.31
C PRO A 74 -20.11 4.89 -12.78
N GLU A 75 -21.01 3.96 -12.49
CA GLU A 75 -20.60 2.62 -12.08
C GLU A 75 -19.84 1.91 -13.19
N MET A 76 -20.25 2.11 -14.44
CA MET A 76 -19.57 1.45 -15.54
C MET A 76 -18.18 2.02 -15.78
N ARG A 77 -18.02 3.34 -15.63
CA ARG A 77 -16.70 3.94 -15.84
C ARG A 77 -15.75 3.62 -14.70
N LEU A 78 -16.26 3.57 -13.47
CA LEU A 78 -15.42 3.23 -12.34
C LEU A 78 -14.95 1.79 -12.42
N TRP A 79 -15.86 0.86 -12.74
CA TRP A 79 -15.46 -0.53 -12.92
C TRP A 79 -14.44 -0.67 -14.03
N ALA A 80 -14.63 0.07 -15.13
CA ALA A 80 -13.70 -0.01 -16.25
C ALA A 80 -12.33 0.54 -15.89
N ILE A 81 -12.30 1.66 -15.17
CA ILE A 81 -11.03 2.29 -14.84
C ILE A 81 -10.22 1.43 -13.88
N VAL A 82 -10.90 0.81 -12.90
CA VAL A 82 -10.19 -0.07 -11.96
C VAL A 82 -9.63 -1.28 -12.69
N ALA A 83 -10.46 -1.90 -13.54
CA ALA A 83 -10.02 -3.09 -14.27
C ALA A 83 -8.89 -2.77 -15.24
N SER A 84 -8.95 -1.62 -15.90
CA SER A 84 -7.92 -1.27 -16.87
C SER A 84 -6.58 -1.01 -16.18
N GLU A 85 -6.60 -0.35 -15.03
CA GLU A 85 -5.37 -0.04 -14.32
C GLU A 85 -4.70 -1.31 -13.80
N VAL A 86 -5.47 -2.23 -13.22
CA VAL A 86 -4.87 -3.46 -12.68
C VAL A 86 -4.20 -4.26 -13.78
N ARG A 87 -4.85 -4.37 -14.94
CA ARG A 87 -4.24 -5.09 -16.05
C ARG A 87 -2.99 -4.36 -16.56
N LEU A 88 -3.02 -3.03 -16.55
CA LEU A 88 -1.81 -2.26 -16.83
C LEU A 88 -0.68 -2.65 -15.88
N LEU A 89 -0.96 -2.64 -14.57
CA LEU A 89 0.06 -2.94 -13.58
C LEU A 89 0.43 -4.42 -13.54
N LEU A 90 -0.38 -5.29 -14.14
CA LEU A 90 -0.06 -6.70 -14.27
C LEU A 90 0.59 -7.03 -15.62
N SER A 91 0.85 -6.03 -16.45
CA SER A 91 1.38 -6.24 -17.80
C SER A 91 2.85 -5.88 -17.94
N THR A 92 3.49 -5.43 -16.88
CA THR A 92 4.90 -5.04 -16.94
C THR A 92 5.79 -6.20 -16.49
N LYS A 93 6.99 -6.25 -17.06
CA LYS A 93 7.94 -7.30 -16.70
C LYS A 93 8.28 -7.25 -15.22
N TRP A 94 8.48 -6.04 -14.68
CA TRP A 94 8.77 -5.83 -13.28
C TRP A 94 7.62 -5.06 -12.64
N ASN A 95 7.55 -5.14 -11.31
CA ASN A 95 6.47 -4.50 -10.55
C ASN A 95 6.76 -3.01 -10.39
N VAL A 96 6.69 -2.30 -11.53
CA VAL A 96 7.01 -0.88 -11.54
C VAL A 96 5.99 -0.05 -10.78
N GLY A 97 4.83 -0.63 -10.46
CA GLY A 97 3.88 0.06 -9.59
C GLY A 97 4.45 0.44 -8.25
N ARG A 98 5.52 -0.25 -7.81
CA ARG A 98 6.16 0.08 -6.54
C ARG A 98 6.98 1.37 -6.61
N LEU A 99 7.30 1.86 -7.80
CA LEU A 99 8.27 2.94 -7.92
C LEU A 99 7.75 4.24 -7.30
N TYR A 100 6.44 4.49 -7.35
CA TYR A 100 5.92 5.72 -6.78
C TYR A 100 5.86 5.67 -5.25
N GLN A 101 5.65 4.50 -4.66
CA GLN A 101 5.58 4.38 -3.22
C GLN A 101 6.94 4.50 -2.53
N LEU A 102 8.02 4.63 -3.30
CA LEU A 102 9.34 4.69 -2.70
C LEU A 102 9.54 6.02 -1.96
N PRO A 103 10.30 5.99 -0.86
CA PRO A 103 10.51 7.23 -0.09
C PRO A 103 11.06 8.39 -0.90
N ILE A 104 11.84 8.13 -1.95
CA ILE A 104 12.47 9.21 -2.71
C ILE A 104 11.44 10.06 -3.47
N VAL A 105 10.28 9.49 -3.80
CA VAL A 105 9.26 10.27 -4.50
C VAL A 105 8.66 11.34 -3.60
N GLY A 106 8.68 11.14 -2.29
CA GLY A 106 8.19 12.13 -1.35
C GLY A 106 8.98 13.42 -1.30
N SER A 107 10.08 13.48 -2.03
CA SER A 107 10.88 14.70 -2.11
C SER A 107 10.07 15.84 -2.71
N GLU A 108 10.38 17.07 -2.26
CA GLU A 108 9.65 18.24 -2.72
C GLU A 108 9.97 18.64 -4.15
N GLU A 109 10.85 17.91 -4.82
CA GLU A 109 11.17 18.17 -6.22
C GLU A 109 10.21 17.46 -7.17
N PHE A 110 9.66 16.32 -6.76
CA PHE A 110 8.74 15.55 -7.58
C PHE A 110 7.35 16.20 -7.63
N ALA A 111 7.28 17.53 -7.72
CA ALA A 111 5.99 18.20 -7.76
C ALA A 111 5.21 17.86 -9.02
N GLU A 112 5.90 17.58 -10.12
CA GLU A 112 5.21 17.13 -11.33
C GLU A 112 4.50 15.81 -11.09
N TYR A 113 5.19 14.85 -10.46
CA TYR A 113 4.61 13.53 -10.25
C TYR A 113 3.60 13.50 -9.10
N HIS A 114 3.68 14.46 -8.16
CA HIS A 114 2.65 14.54 -7.13
C HIS A 114 1.34 15.04 -7.70
N SER A 115 1.41 16.02 -8.60
CA SER A 115 0.20 16.56 -9.22
C SER A 115 -0.42 15.57 -10.19
N GLN A 116 0.41 14.77 -10.88
CA GLN A 116 -0.13 13.78 -11.81
C GLN A 116 -0.86 12.67 -11.07
N ARG A 117 -0.37 12.27 -9.90
CA ARG A 117 -1.05 11.23 -9.14
C ARG A 117 -2.24 11.78 -8.35
N GLU A 118 -2.26 13.08 -8.05
CA GLU A 118 -3.46 13.65 -7.43
C GLU A 118 -4.58 13.77 -8.45
N ALA A 119 -4.25 13.97 -9.73
CA ALA A 119 -5.25 13.90 -10.77
C ALA A 119 -5.76 12.47 -10.94
N LEU A 120 -4.85 11.50 -10.85
CA LEU A 120 -5.25 10.10 -11.01
C LEU A 120 -6.16 9.64 -9.87
N THR A 121 -5.83 10.02 -8.63
CA THR A 121 -6.71 9.72 -7.50
C THR A 121 -8.02 10.48 -7.61
N ASN A 122 -8.00 11.70 -8.15
CA ASN A 122 -9.22 12.49 -8.29
C ASN A 122 -10.20 11.82 -9.23
N VAL A 123 -9.70 11.14 -10.27
CA VAL A 123 -10.58 10.42 -11.19
C VAL A 123 -11.32 9.31 -10.45
N PHE A 124 -10.59 8.53 -9.65
CA PHE A 124 -11.21 7.47 -8.85
C PHE A 124 -12.22 8.06 -7.86
N ARG A 125 -11.82 9.12 -7.17
CA ARG A 125 -12.65 9.66 -6.10
C ARG A 125 -13.91 10.33 -6.65
N ASP A 126 -13.78 11.04 -7.78
CA ASP A 126 -14.93 11.76 -8.32
C ASP A 126 -15.98 10.81 -8.85
N LEU A 127 -15.56 9.75 -9.55
CA LEU A 127 -16.51 8.74 -10.02
C LEU A 127 -17.23 8.07 -8.84
N ALA A 128 -16.53 7.90 -7.72
CA ALA A 128 -17.14 7.29 -6.56
C ALA A 128 -18.16 8.23 -5.91
N THR A 129 -17.86 9.52 -5.84
CA THR A 129 -18.84 10.48 -5.31
C THR A 129 -20.09 10.51 -6.16
N GLU A 130 -19.95 10.41 -7.48
CA GLU A 130 -21.11 10.27 -8.35
C GLU A 130 -21.95 9.06 -7.98
N ILE A 131 -21.35 8.08 -7.31
CA ILE A 131 -22.06 6.87 -6.91
C ILE A 131 -22.59 6.97 -5.50
N VAL A 132 -21.80 7.53 -4.57
CA VAL A 132 -22.14 7.46 -3.15
C VAL A 132 -22.09 8.84 -2.50
N GLY A 133 -21.90 9.90 -3.29
CA GLY A 133 -21.97 11.21 -2.70
C GLY A 133 -20.75 11.54 -1.85
N ASP A 134 -20.94 12.51 -0.95
CA ASP A 134 -19.88 12.96 -0.04
C ASP A 134 -19.73 11.94 1.09
N ASP A 135 -19.16 10.79 0.73
CA ASP A 135 -18.99 9.67 1.63
C ASP A 135 -17.51 9.27 1.64
N PRO A 136 -16.90 9.09 2.82
CA PRO A 136 -15.49 8.70 2.85
C PRO A 136 -15.17 7.40 2.11
N ARG A 137 -16.19 6.60 1.75
CA ARG A 137 -15.95 5.40 0.96
C ARG A 137 -15.45 5.70 -0.45
N ALA A 138 -15.49 6.97 -0.88
CA ALA A 138 -15.03 7.31 -2.21
C ALA A 138 -13.54 7.10 -2.41
N GLU A 139 -12.77 7.04 -1.32
CA GLU A 139 -11.33 6.87 -1.39
C GLU A 139 -10.88 5.42 -1.46
N LEU A 140 -11.83 4.48 -1.38
CA LEU A 140 -11.48 3.07 -1.32
C LEU A 140 -11.22 2.45 -2.70
N PRO A 141 -11.96 2.81 -3.75
CA PRO A 141 -11.66 2.24 -5.08
C PRO A 141 -10.22 2.38 -5.53
N PHE A 142 -9.55 3.48 -5.20
CA PHE A 142 -8.16 3.63 -5.65
C PHE A 142 -7.21 2.74 -4.87
N HIS A 143 -7.41 2.64 -3.55
CA HIS A 143 -6.55 1.79 -2.74
C HIS A 143 -6.81 0.31 -3.01
N ILE A 144 -8.05 -0.05 -3.35
CA ILE A 144 -8.34 -1.41 -3.78
C ILE A 144 -7.61 -1.71 -5.09
N THR A 145 -7.56 -0.74 -6.00
CA THR A 145 -6.84 -0.92 -7.25
C THR A 145 -5.35 -1.15 -7.00
N MET A 146 -4.74 -0.28 -6.19
CA MET A 146 -3.29 -0.34 -5.98
C MET A 146 -2.86 -1.55 -5.17
N SER A 147 -3.80 -2.29 -4.56
CA SER A 147 -3.42 -3.46 -3.78
C SER A 147 -2.87 -4.58 -4.64
N VAL A 148 -3.07 -4.53 -5.97
CA VAL A 148 -2.49 -5.54 -6.84
C VAL A 148 -0.97 -5.49 -6.79
N ILE A 149 -0.40 -4.33 -6.46
CA ILE A 149 1.05 -4.19 -6.36
C ILE A 149 1.60 -5.12 -5.28
N GLU A 150 0.84 -5.33 -4.21
CA GLU A 150 1.25 -6.23 -3.14
C GLU A 150 0.95 -7.69 -3.45
N MET A 151 0.34 -7.99 -4.58
CA MET A 151 -0.06 -9.35 -4.92
C MET A 151 0.71 -9.96 -6.07
N ARG A 152 1.22 -9.15 -7.01
CA ARG A 152 1.82 -9.71 -8.20
C ARG A 152 3.28 -10.08 -7.96
N ARG A 153 3.79 -10.93 -8.86
CA ARG A 153 5.17 -11.41 -8.76
C ARG A 153 6.15 -10.30 -9.12
N ASN A 154 7.41 -10.55 -8.80
CA ASN A 154 8.48 -9.61 -9.18
C ASN A 154 9.77 -10.40 -9.45
N ASP A 155 9.65 -11.48 -10.22
CA ASP A 155 10.80 -12.30 -10.58
C ASP A 155 11.32 -12.00 -11.99
N GLY A 156 10.59 -11.20 -12.77
CA GLY A 156 10.96 -10.89 -14.13
C GLY A 156 10.06 -11.49 -15.18
N LYS A 157 9.04 -12.25 -14.78
CA LYS A 157 8.06 -12.81 -15.71
C LYS A 157 6.73 -12.07 -15.53
N ILE A 158 6.10 -11.74 -16.64
CA ILE A 158 4.87 -10.94 -16.61
C ILE A 158 3.73 -11.78 -16.06
N PRO A 159 3.03 -11.33 -15.01
CA PRO A 159 1.94 -12.15 -14.46
C PRO A 159 0.84 -12.44 -15.47
N SER A 160 0.34 -11.41 -16.16
CA SER A 160 -0.68 -11.58 -17.19
C SER A 160 -0.40 -10.59 -18.33
N PRO A 161 0.18 -11.06 -19.43
CA PRO A 161 0.38 -10.19 -20.59
C PRO A 161 -0.95 -9.70 -21.17
N LEU A 162 -0.85 -8.64 -21.97
CA LEU A 162 -2.05 -8.00 -22.50
C LEU A 162 -2.71 -8.85 -23.57
N SER A 163 -4.04 -8.75 -23.63
CA SER A 163 -4.86 -9.43 -24.62
C SER A 163 -5.97 -8.50 -25.04
N ALA A 164 -6.39 -8.61 -26.31
CA ALA A 164 -7.44 -7.73 -26.80
C ALA A 164 -8.83 -8.13 -26.30
N ASP A 165 -9.06 -9.42 -26.07
CA ASP A 165 -10.39 -9.92 -25.77
C ASP A 165 -10.56 -10.51 -24.38
N SER A 166 -9.53 -10.49 -23.53
CA SER A 166 -9.62 -11.10 -22.21
C SER A 166 -9.02 -10.18 -21.16
N LEU A 167 -9.43 -10.40 -19.91
CA LEU A 167 -8.96 -9.68 -18.74
C LEU A 167 -8.50 -10.64 -17.66
N PRO A 168 -7.46 -10.29 -16.91
CA PRO A 168 -7.00 -11.16 -15.83
C PRO A 168 -8.02 -11.24 -14.70
N GLU A 169 -8.04 -12.41 -14.04
CA GLU A 169 -9.00 -12.64 -12.96
C GLU A 169 -8.78 -11.67 -11.80
N THR A 170 -7.53 -11.27 -11.55
CA THR A 170 -7.26 -10.29 -10.50
C THR A 170 -7.86 -8.93 -10.88
N ALA A 171 -7.83 -8.56 -12.16
CA ALA A 171 -8.42 -7.30 -12.58
C ALA A 171 -9.93 -7.27 -12.39
N ILE A 172 -10.59 -8.40 -12.65
CA ILE A 172 -12.04 -8.44 -12.49
C ILE A 172 -12.43 -8.43 -11.02
N MET A 173 -11.67 -9.13 -10.17
CA MET A 173 -12.01 -9.23 -8.76
C MET A 173 -11.88 -7.88 -8.06
N LEU A 174 -10.80 -7.15 -8.32
CA LEU A 174 -10.62 -5.84 -7.68
C LEU A 174 -11.69 -4.85 -8.15
N ALA A 175 -12.08 -4.95 -9.42
CA ALA A 175 -13.14 -4.07 -9.94
C ALA A 175 -14.49 -4.44 -9.34
N ASP A 176 -14.74 -5.73 -9.13
CA ASP A 176 -15.98 -6.12 -8.45
C ASP A 176 -15.96 -5.71 -6.99
N ALA A 177 -14.80 -5.81 -6.35
CA ALA A 177 -14.68 -5.38 -4.96
C ALA A 177 -14.81 -3.87 -4.82
N SER A 178 -14.33 -3.11 -5.80
CA SER A 178 -14.41 -1.66 -5.71
C SER A 178 -15.85 -1.18 -5.72
N LEU A 179 -16.67 -1.70 -6.63
CA LEU A 179 -18.08 -1.36 -6.63
C LEU A 179 -18.79 -1.93 -5.40
N ALA A 180 -18.31 -3.05 -4.88
CA ALA A 180 -18.97 -3.67 -3.74
C ALA A 180 -18.87 -2.79 -2.49
N VAL A 181 -17.70 -2.20 -2.23
CA VAL A 181 -17.56 -1.36 -1.05
C VAL A 181 -18.40 -0.10 -1.15
N LEU A 182 -18.86 0.25 -2.34
CA LEU A 182 -19.74 1.40 -2.53
C LEU A 182 -21.21 1.00 -2.57
N GLY A 183 -21.53 -0.28 -2.38
CA GLY A 183 -22.91 -0.72 -2.43
C GLY A 183 -23.56 -0.56 -3.78
N ALA A 184 -22.77 -0.57 -4.85
CA ALA A 184 -23.33 -0.38 -6.19
C ALA A 184 -23.44 -1.71 -6.92
N PRO A 185 -24.51 -1.90 -7.70
CA PRO A 185 -24.64 -3.13 -8.47
C PRO A 185 -23.67 -3.13 -9.64
N LEU A 186 -23.27 -4.34 -10.04
CA LEU A 186 -22.32 -4.47 -11.13
C LEU A 186 -23.05 -4.36 -12.47
N PRO A 187 -22.55 -3.58 -13.41
CA PRO A 187 -23.24 -3.43 -14.71
C PRO A 187 -23.21 -4.72 -15.51
N ALA A 188 -24.20 -4.85 -16.40
CA ALA A 188 -24.29 -6.04 -17.22
C ALA A 188 -23.12 -6.11 -18.20
N ASP A 189 -22.48 -7.28 -18.29
CA ASP A 189 -21.35 -7.53 -19.18
C ASP A 189 -20.19 -6.57 -18.88
N ARG A 190 -19.67 -6.64 -17.65
CA ARG A 190 -18.55 -5.78 -17.27
C ARG A 190 -17.31 -6.06 -18.11
N VAL A 191 -16.86 -7.33 -18.11
CA VAL A 191 -15.59 -7.69 -18.71
C VAL A 191 -15.62 -7.44 -20.22
N GLU A 192 -16.80 -7.52 -20.84
CA GLU A 192 -16.93 -7.56 -22.29
C GLU A 192 -17.16 -6.16 -22.85
N LYS A 193 -17.58 -5.20 -22.01
CA LYS A 193 -17.70 -3.80 -22.37
C LYS A 193 -16.41 -3.02 -22.11
N THR A 194 -15.73 -3.29 -20.98
CA THR A 194 -14.43 -2.69 -20.70
C THR A 194 -13.47 -2.89 -21.85
N LEU A 195 -13.52 -4.06 -22.47
CA LEU A 195 -12.66 -4.31 -23.63
C LEU A 195 -12.94 -3.31 -24.74
N GLU A 196 -14.20 -2.88 -24.90
CA GLU A 196 -14.51 -1.90 -25.95
C GLU A 196 -13.96 -0.53 -25.60
N LEU A 197 -14.11 -0.09 -24.35
CA LEU A 197 -13.61 1.23 -23.96
C LEU A 197 -12.10 1.28 -23.94
N ILE A 198 -11.44 0.15 -23.67
CA ILE A 198 -9.99 0.11 -23.79
C ILE A 198 -9.57 0.23 -25.25
N LYS A 199 -10.33 -0.40 -26.16
CA LYS A 199 -10.10 -0.22 -27.59
C LYS A 199 -10.36 1.22 -28.01
N GLN A 200 -11.27 1.91 -27.32
CA GLN A 200 -11.56 3.31 -27.60
C GLN A 200 -10.33 4.19 -27.37
N ALA A 201 -9.75 4.12 -26.18
CA ALA A 201 -8.67 5.01 -25.75
C ALA A 201 -7.33 4.66 -26.37
N ASP A 202 -7.29 3.80 -27.38
CA ASP A 202 -6.04 3.44 -28.08
C ASP A 202 -5.11 2.68 -27.15
N ASN B 1 14.40 8.23 29.03
CA ASN B 1 14.03 9.60 28.73
C ASN B 1 14.76 10.13 27.48
N PRO B 2 16.10 10.08 27.44
CA PRO B 2 16.78 10.48 26.20
C PRO B 2 16.62 9.43 25.11
N ARG B 3 16.46 8.17 25.51
CA ARG B 3 16.15 7.11 24.57
C ARG B 3 14.78 7.34 23.93
N GLU B 4 13.85 7.93 24.68
CA GLU B 4 12.50 8.17 24.15
C GLU B 4 12.49 9.31 23.15
N GLU B 5 13.31 10.35 23.37
CA GLU B 5 13.37 11.44 22.41
C GLU B 5 14.01 11.01 21.10
N ILE B 6 14.99 10.11 21.16
CA ILE B 6 15.61 9.60 19.94
C ILE B 6 14.62 8.76 19.15
N LEU B 7 13.87 7.90 19.83
CA LEU B 7 12.88 7.07 19.13
C LEU B 7 11.77 7.91 18.53
N ASP B 8 11.36 8.97 19.23
CA ASP B 8 10.29 9.82 18.71
C ASP B 8 10.79 10.63 17.52
N ALA B 9 12.02 11.14 17.60
CA ALA B 9 12.60 11.84 16.45
C ALA B 9 12.82 10.88 15.28
N SER B 10 13.24 9.65 15.58
CA SER B 10 13.45 8.66 14.52
C SER B 10 12.12 8.21 13.92
N ALA B 11 11.08 8.08 14.75
CA ALA B 11 9.75 7.74 14.24
C ALA B 11 9.28 8.75 13.22
N GLU B 12 9.46 10.05 13.50
CA GLU B 12 9.04 11.07 12.55
C GLU B 12 9.86 11.00 11.28
N LEU B 13 11.17 10.89 11.40
CA LEU B 13 12.03 10.91 10.23
C LEU B 13 11.87 9.66 9.38
N PHE B 14 11.79 8.49 10.01
CA PHE B 14 11.67 7.25 9.25
C PHE B 14 10.35 7.16 8.51
N THR B 15 9.24 7.51 9.19
CA THR B 15 7.93 7.44 8.56
C THR B 15 7.81 8.40 7.38
N ARG B 16 8.45 9.57 7.48
CA ARG B 16 8.31 10.58 6.43
C ARG B 16 9.35 10.41 5.32
N GLN B 17 10.57 10.01 5.64
CA GLN B 17 11.66 9.94 4.67
C GLN B 17 12.18 8.55 4.38
N GLY B 18 11.97 7.58 5.27
CA GLY B 18 12.53 6.26 5.12
C GLY B 18 13.82 6.08 5.90
N PHE B 19 14.29 4.83 5.94
CA PHE B 19 15.48 4.51 6.72
C PHE B 19 16.75 4.94 6.00
N ALA B 20 16.85 4.65 4.70
CA ALA B 20 18.11 4.88 3.99
C ALA B 20 18.39 6.36 3.84
N THR B 21 17.37 7.17 3.50
CA THR B 21 17.58 8.59 3.28
C THR B 21 17.79 9.36 4.58
N THR B 22 17.34 8.83 5.71
CA THR B 22 17.54 9.49 6.99
C THR B 22 18.94 9.20 7.50
N SER B 23 19.62 10.24 7.98
CA SER B 23 20.98 10.14 8.48
C SER B 23 20.99 10.23 10.00
N THR B 24 22.01 9.61 10.61
CA THR B 24 22.18 9.74 12.05
C THR B 24 22.34 11.21 12.47
N HIS B 25 22.97 12.02 11.61
CA HIS B 25 23.10 13.44 11.90
C HIS B 25 21.73 14.10 12.00
N GLN B 26 20.83 13.78 11.06
CA GLN B 26 19.49 14.34 11.10
C GLN B 26 18.74 13.91 12.36
N ILE B 27 18.91 12.65 12.77
CA ILE B 27 18.26 12.17 14.00
C ILE B 27 18.80 12.93 15.21
N ALA B 28 20.13 13.13 15.26
CA ALA B 28 20.73 13.79 16.41
C ALA B 28 20.31 15.26 16.49
N ASP B 29 20.16 15.92 15.34
CA ASP B 29 19.80 17.33 15.35
C ASP B 29 18.37 17.54 15.85
N ALA B 30 17.47 16.59 15.56
CA ALA B 30 16.11 16.68 16.09
C ALA B 30 16.09 16.52 17.60
N VAL B 31 16.96 15.65 18.13
CA VAL B 31 17.07 15.50 19.57
C VAL B 31 17.66 16.75 20.22
N GLY B 32 18.57 17.42 19.52
CA GLY B 32 19.29 18.54 20.09
C GLY B 32 20.71 18.22 20.50
N ILE B 33 21.24 17.07 20.07
CA ILE B 33 22.60 16.67 20.39
C ILE B 33 23.33 16.53 19.06
N ARG B 34 24.55 16.00 19.10
CA ARG B 34 25.34 15.81 17.91
C ARG B 34 25.42 14.33 17.57
N GLN B 35 25.83 14.05 16.33
CA GLN B 35 25.61 12.73 15.74
C GLN B 35 26.26 11.61 16.54
N ALA B 36 27.46 11.84 17.06
CA ALA B 36 28.17 10.79 17.79
C ALA B 36 27.46 10.41 19.08
N SER B 37 26.74 11.36 19.70
CA SER B 37 26.14 11.12 20.99
C SER B 37 25.01 10.09 20.94
N LEU B 38 24.43 9.84 19.75
CA LEU B 38 23.41 8.80 19.64
C LEU B 38 23.94 7.44 20.06
N TYR B 39 25.22 7.18 19.79
CA TYR B 39 25.78 5.85 19.98
C TYR B 39 26.09 5.54 21.44
N TYR B 40 25.86 6.48 22.36
CA TYR B 40 25.83 6.14 23.77
C TYR B 40 24.56 5.37 24.12
N HIS B 41 23.41 5.82 23.60
CA HIS B 41 22.13 5.23 23.93
C HIS B 41 21.75 4.04 23.05
N PHE B 42 22.24 4.01 21.81
CA PHE B 42 21.92 2.93 20.89
C PHE B 42 23.20 2.44 20.21
N PRO B 43 23.29 1.15 19.91
CA PRO B 43 24.51 0.62 19.29
C PRO B 43 24.64 0.95 17.81
N SER B 44 23.51 1.03 17.10
CA SER B 44 23.57 1.26 15.67
C SER B 44 22.29 1.95 15.21
N LYS B 45 22.38 2.60 14.05
CA LYS B 45 21.20 3.20 13.44
C LYS B 45 20.15 2.15 13.13
N THR B 46 20.57 0.93 12.78
CA THR B 46 19.63 -0.15 12.55
C THR B 46 18.87 -0.51 13.82
N GLU B 47 19.56 -0.51 14.97
CA GLU B 47 18.92 -0.89 16.22
C GLU B 47 17.80 0.08 16.60
N ILE B 48 17.95 1.35 16.27
CA ILE B 48 16.85 2.31 16.48
C ILE B 48 15.66 1.91 15.64
N PHE B 49 15.89 1.56 14.37
CA PHE B 49 14.79 1.17 13.49
C PHE B 49 14.14 -0.12 13.95
N LEU B 50 14.93 -1.09 14.39
CA LEU B 50 14.38 -2.36 14.87
C LEU B 50 13.51 -2.14 16.10
N THR B 51 13.94 -1.26 17.00
CA THR B 51 13.17 -0.97 18.19
C THR B 51 11.80 -0.38 17.83
N LEU B 52 11.78 0.56 16.87
CA LEU B 52 10.51 1.12 16.43
C LEU B 52 9.67 0.10 15.69
N LEU B 53 10.31 -0.71 14.83
CA LEU B 53 9.58 -1.72 14.07
C LEU B 53 9.02 -2.79 15.00
N LYS B 54 9.80 -3.20 16.01
CA LYS B 54 9.36 -4.26 16.90
C LYS B 54 8.20 -3.80 17.79
N SER B 55 8.10 -2.49 18.05
CA SER B 55 6.98 -1.93 18.80
C SER B 55 5.74 -1.70 17.95
N THR B 56 5.78 -2.00 16.65
CA THR B 56 4.60 -1.89 15.80
C THR B 56 4.14 -3.22 15.23
N VAL B 57 5.06 -4.05 14.73
CA VAL B 57 4.69 -5.32 14.12
C VAL B 57 4.09 -6.26 15.16
N GLU B 58 4.73 -6.36 16.33
CA GLU B 58 4.34 -7.41 17.27
C GLU B 58 3.02 -7.14 18.01
N PRO B 59 2.67 -5.90 18.39
CA PRO B 59 1.34 -5.72 18.98
C PRO B 59 0.22 -5.92 17.97
N SER B 60 0.49 -5.67 16.68
CA SER B 60 -0.50 -5.91 15.65
C SER B 60 -0.75 -7.40 15.48
N THR B 61 0.29 -8.23 15.59
CA THR B 61 0.12 -9.66 15.38
C THR B 61 -0.50 -10.35 16.59
N VAL B 62 -0.08 -9.95 17.80
CA VAL B 62 -0.62 -10.60 18.99
C VAL B 62 -2.07 -10.18 19.22
N LEU B 63 -2.45 -8.98 18.78
CA LEU B 63 -3.85 -8.57 18.89
C LEU B 63 -4.74 -9.41 17.98
N ALA B 64 -4.33 -9.58 16.72
CA ALA B 64 -5.12 -10.39 15.79
C ALA B 64 -5.12 -11.85 16.19
N GLU B 65 -3.99 -12.35 16.72
CA GLU B 65 -3.94 -13.75 17.14
C GLU B 65 -4.77 -13.98 18.39
N ASP B 66 -4.98 -12.94 19.21
CA ASP B 66 -5.82 -13.07 20.39
C ASP B 66 -7.30 -12.99 20.04
N LEU B 67 -7.66 -12.21 19.01
CA LEU B 67 -9.05 -12.06 18.63
C LEU B 67 -9.56 -13.20 17.76
N SER B 68 -8.66 -14.00 17.18
CA SER B 68 -9.09 -15.16 16.41
C SER B 68 -9.56 -16.30 17.31
N THR B 69 -9.04 -16.38 18.54
CA THR B 69 -9.44 -17.45 19.44
C THR B 69 -10.86 -17.28 19.96
N LEU B 70 -11.31 -16.04 20.15
CA LEU B 70 -12.57 -15.79 20.85
C LEU B 70 -13.75 -16.37 20.09
N ASP B 71 -14.84 -16.61 20.82
CA ASP B 71 -16.01 -17.30 20.29
C ASP B 71 -16.95 -16.31 19.64
N ALA B 72 -16.96 -16.31 18.31
CA ALA B 72 -17.88 -15.49 17.52
C ALA B 72 -17.92 -16.07 16.11
N GLY B 73 -18.77 -15.50 15.27
CA GLY B 73 -18.83 -15.90 13.89
C GLY B 73 -17.58 -15.45 13.15
N PRO B 74 -17.27 -16.12 12.04
CA PRO B 74 -16.10 -15.69 11.26
C PRO B 74 -16.22 -14.27 10.74
N GLU B 75 -17.43 -13.85 10.35
CA GLU B 75 -17.65 -12.46 9.96
C GLU B 75 -17.44 -11.53 11.14
N MET B 76 -17.87 -11.95 12.34
CA MET B 76 -17.70 -11.11 13.52
C MET B 76 -16.23 -11.01 13.92
N ARG B 77 -15.49 -12.11 13.79
CA ARG B 77 -14.08 -12.08 14.17
C ARG B 77 -13.26 -11.28 13.16
N LEU B 78 -13.59 -11.40 11.87
CA LEU B 78 -12.89 -10.61 10.86
C LEU B 78 -13.20 -9.13 11.00
N TRP B 79 -14.48 -8.79 11.20
CA TRP B 79 -14.85 -7.39 11.38
C TRP B 79 -14.15 -6.79 12.59
N ALA B 80 -14.05 -7.56 13.68
CA ALA B 80 -13.39 -7.05 14.88
C ALA B 80 -11.91 -6.83 14.65
N ILE B 81 -11.25 -7.76 13.95
CA ILE B 81 -9.81 -7.66 13.74
C ILE B 81 -9.48 -6.48 12.83
N VAL B 82 -10.28 -6.28 11.78
CA VAL B 82 -10.05 -5.15 10.87
C VAL B 82 -10.23 -3.84 11.63
N ALA B 83 -11.31 -3.74 12.41
CA ALA B 83 -11.55 -2.51 13.16
C ALA B 83 -10.48 -2.29 14.22
N SER B 84 -10.01 -3.36 14.87
CA SER B 84 -9.01 -3.23 15.92
C SER B 84 -7.66 -2.78 15.36
N GLU B 85 -7.27 -3.31 14.21
CA GLU B 85 -5.99 -2.95 13.62
C GLU B 85 -5.98 -1.48 13.20
N VAL B 86 -7.04 -1.02 12.55
CA VAL B 86 -7.12 0.38 12.13
C VAL B 86 -7.07 1.29 13.35
N ARG B 87 -7.78 0.91 14.42
CA ARG B 87 -7.74 1.69 15.65
C ARG B 87 -6.35 1.67 16.26
N LEU B 88 -5.65 0.54 16.16
CA LEU B 88 -4.24 0.47 16.53
C LEU B 88 -3.42 1.50 15.75
N LEU B 89 -3.52 1.47 14.41
CA LEU B 89 -2.70 2.33 13.57
C LEU B 89 -3.13 3.80 13.59
N LEU B 90 -4.33 4.10 14.09
CA LEU B 90 -4.76 5.48 14.22
C LEU B 90 -4.50 6.05 15.61
N SER B 91 -3.85 5.29 16.48
CA SER B 91 -3.62 5.70 17.87
C SER B 91 -2.17 6.09 18.16
N THR B 92 -1.28 6.01 17.17
CA THR B 92 0.13 6.34 17.40
C THR B 92 0.41 7.78 17.01
N LYS B 93 1.41 8.37 17.68
CA LYS B 93 1.79 9.75 17.41
C LYS B 93 2.22 9.92 15.96
N TRP B 94 2.99 8.97 15.43
CA TRP B 94 3.43 8.98 14.05
C TRP B 94 2.86 7.77 13.33
N ASN B 95 2.84 7.84 12.00
CA ASN B 95 2.26 6.78 11.17
C ASN B 95 3.25 5.63 11.06
N VAL B 96 3.47 4.96 12.20
CA VAL B 96 4.46 3.88 12.28
C VAL B 96 4.09 2.68 11.44
N GLY B 97 2.84 2.57 10.98
CA GLY B 97 2.48 1.55 10.01
C GLY B 97 3.30 1.63 8.74
N ARG B 98 3.87 2.80 8.44
CA ARG B 98 4.71 2.97 7.26
C ARG B 98 6.06 2.26 7.40
N LEU B 99 6.46 1.89 8.61
CA LEU B 99 7.81 1.40 8.82
C LEU B 99 8.05 0.08 8.09
N TYR B 100 7.03 -0.77 7.99
CA TYR B 100 7.19 -2.05 7.31
C TYR B 100 7.22 -1.89 5.80
N GLN B 101 6.51 -0.90 5.26
CA GLN B 101 6.50 -0.70 3.81
C GLN B 101 7.80 -0.15 3.27
N LEU B 102 8.77 0.17 4.13
CA LEU B 102 10.01 0.76 3.65
C LEU B 102 10.83 -0.27 2.88
N PRO B 103 11.52 0.14 1.81
CA PRO B 103 12.32 -0.82 1.02
C PRO B 103 13.32 -1.58 1.84
N ILE B 104 13.84 -0.97 2.91
CA ILE B 104 14.88 -1.56 3.72
C ILE B 104 14.35 -2.78 4.48
N VAL B 105 13.05 -2.82 4.74
CA VAL B 105 12.46 -3.98 5.41
C VAL B 105 12.50 -5.19 4.50
N GLY B 106 12.49 -4.98 3.18
CA GLY B 106 12.63 -6.07 2.24
C GLY B 106 13.96 -6.79 2.30
N SER B 107 14.89 -6.32 3.13
CA SER B 107 16.16 -7.00 3.31
C SER B 107 15.95 -8.41 3.84
N GLU B 108 16.85 -9.31 3.47
CA GLU B 108 16.75 -10.72 3.83
C GLU B 108 17.05 -10.99 5.31
N GLU B 109 17.31 -9.96 6.13
CA GLU B 109 17.53 -10.21 7.55
C GLU B 109 16.23 -10.27 8.33
N PHE B 110 15.23 -9.50 7.91
CA PHE B 110 14.00 -9.39 8.69
C PHE B 110 13.13 -10.64 8.62
N ALA B 111 13.75 -11.83 8.69
CA ALA B 111 12.98 -13.07 8.72
C ALA B 111 12.15 -13.18 9.98
N GLU B 112 12.63 -12.59 11.09
CA GLU B 112 11.82 -12.52 12.29
C GLU B 112 10.58 -11.67 12.05
N TYR B 113 10.75 -10.49 11.46
CA TYR B 113 9.64 -9.59 11.21
C TYR B 113 8.84 -9.98 9.97
N HIS B 114 9.42 -10.77 9.06
CA HIS B 114 8.65 -11.28 7.94
C HIS B 114 7.66 -12.34 8.38
N SER B 115 8.05 -13.19 9.33
CA SER B 115 7.16 -14.24 9.80
C SER B 115 6.00 -13.66 10.61
N GLN B 116 6.26 -12.59 11.37
CA GLN B 116 5.17 -11.95 12.11
C GLN B 116 4.20 -11.29 11.15
N ARG B 117 4.70 -10.72 10.05
CA ARG B 117 3.82 -10.07 9.09
C ARG B 117 3.11 -11.09 8.19
N GLU B 118 3.72 -12.25 7.97
CA GLU B 118 3.02 -13.31 7.25
C GLU B 118 2.04 -14.04 8.15
N ALA B 119 2.34 -14.12 9.45
CA ALA B 119 1.36 -14.66 10.40
C ALA B 119 0.17 -13.73 10.52
N LEU B 120 0.40 -12.41 10.49
CA LEU B 120 -0.69 -11.46 10.57
C LEU B 120 -1.58 -11.55 9.33
N THR B 121 -0.97 -11.70 8.15
CA THR B 121 -1.77 -11.90 6.94
C THR B 121 -2.51 -13.23 6.96
N ASN B 122 -1.91 -14.26 7.58
CA ASN B 122 -2.57 -15.56 7.63
C ASN B 122 -3.86 -15.50 8.44
N VAL B 123 -3.89 -14.68 9.49
CA VAL B 123 -5.10 -14.52 10.28
C VAL B 123 -6.21 -13.89 9.43
N PHE B 124 -5.87 -12.82 8.70
CA PHE B 124 -6.83 -12.18 7.81
C PHE B 124 -7.30 -13.15 6.73
N ARG B 125 -6.35 -13.87 6.12
CA ARG B 125 -6.70 -14.74 4.99
C ARG B 125 -7.52 -15.94 5.43
N ASP B 126 -7.19 -16.52 6.59
CA ASP B 126 -7.89 -17.72 7.04
C ASP B 126 -9.33 -17.42 7.44
N LEU B 127 -9.55 -16.31 8.15
CA LEU B 127 -10.92 -15.93 8.50
C LEU B 127 -11.76 -15.66 7.25
N ALA B 128 -11.13 -15.10 6.22
CA ALA B 128 -11.85 -14.83 4.97
C ALA B 128 -12.18 -16.12 4.22
N THR B 129 -11.24 -17.07 4.20
CA THR B 129 -11.50 -18.36 3.57
C THR B 129 -12.67 -19.06 4.25
N GLU B 130 -12.75 -18.97 5.57
CA GLU B 130 -13.91 -19.49 6.29
C GLU B 130 -15.23 -18.87 5.83
N ILE B 131 -15.19 -17.69 5.21
CA ILE B 131 -16.40 -16.99 4.79
C ILE B 131 -16.77 -17.26 3.34
N VAL B 132 -15.81 -17.27 2.42
CA VAL B 132 -16.06 -17.38 0.99
C VAL B 132 -15.26 -18.49 0.33
N GLY B 133 -14.60 -19.35 1.10
CA GLY B 133 -13.91 -20.48 0.53
C GLY B 133 -12.59 -20.13 -0.15
N ASP B 134 -12.17 -21.04 -1.02
CA ASP B 134 -10.91 -20.89 -1.76
C ASP B 134 -11.14 -19.88 -2.89
N ASP B 135 -11.24 -18.62 -2.50
CA ASP B 135 -11.56 -17.53 -3.41
C ASP B 135 -10.47 -16.48 -3.27
N PRO B 136 -9.92 -15.98 -4.38
CA PRO B 136 -8.86 -14.95 -4.29
C PRO B 136 -9.30 -13.69 -3.56
N ARG B 137 -10.60 -13.48 -3.34
CA ARG B 137 -11.06 -12.33 -2.56
C ARG B 137 -10.63 -12.40 -1.10
N ALA B 138 -10.14 -13.55 -0.64
CA ALA B 138 -9.73 -13.69 0.75
C ALA B 138 -8.54 -12.81 1.12
N GLU B 139 -7.76 -12.37 0.14
CA GLU B 139 -6.57 -11.57 0.38
C GLU B 139 -6.87 -10.07 0.49
N LEU B 140 -8.12 -9.66 0.28
CA LEU B 140 -8.49 -8.26 0.25
C LEU B 140 -8.72 -7.64 1.63
N PRO B 141 -9.34 -8.36 2.59
CA PRO B 141 -9.52 -7.75 3.93
C PRO B 141 -8.25 -7.20 4.55
N PHE B 142 -7.09 -7.83 4.31
CA PHE B 142 -5.87 -7.33 4.94
C PHE B 142 -5.40 -6.04 4.29
N HIS B 143 -5.46 -5.96 2.95
CA HIS B 143 -5.05 -4.75 2.27
C HIS B 143 -6.03 -3.61 2.48
N ILE B 144 -7.31 -3.93 2.67
CA ILE B 144 -8.28 -2.90 3.03
C ILE B 144 -7.94 -2.31 4.40
N THR B 145 -7.50 -3.16 5.33
CA THR B 145 -7.07 -2.66 6.63
C THR B 145 -5.87 -1.73 6.52
N MET B 146 -4.80 -2.17 5.85
CA MET B 146 -3.57 -1.38 5.81
C MET B 146 -3.71 -0.10 4.99
N SER B 147 -4.81 0.07 4.24
CA SER B 147 -4.98 1.28 3.46
C SER B 147 -5.14 2.52 4.35
N VAL B 148 -5.43 2.34 5.63
CA VAL B 148 -5.51 3.47 6.54
C VAL B 148 -4.16 4.17 6.65
N ILE B 149 -3.07 3.45 6.39
CA ILE B 149 -1.73 4.05 6.44
C ILE B 149 -1.61 5.16 5.41
N GLU B 150 -2.28 5.01 4.27
CA GLU B 150 -2.25 6.04 3.23
C GLU B 150 -3.27 7.15 3.46
N MET B 151 -4.07 7.06 4.53
CA MET B 151 -5.11 8.05 4.79
C MET B 151 -4.85 8.89 6.02
N ARG B 152 -4.13 8.37 7.01
CA ARG B 152 -4.01 9.10 8.26
C ARG B 152 -2.88 10.12 8.20
N ARG B 153 -2.92 11.06 9.13
CA ARG B 153 -1.96 12.14 9.21
C ARG B 153 -0.60 11.63 9.69
N ASN B 154 0.41 12.47 9.53
CA ASN B 154 1.75 12.17 10.05
C ASN B 154 2.44 13.47 10.44
N ASP B 155 1.71 14.33 11.15
CA ASP B 155 2.23 15.60 11.62
C ASP B 155 2.69 15.58 13.07
N GLY B 156 2.42 14.49 13.79
CA GLY B 156 2.76 14.38 15.19
C GLY B 156 1.58 14.42 16.14
N LYS B 157 0.37 14.57 15.62
CA LYS B 157 -0.84 14.55 16.44
C LYS B 157 -1.59 13.25 16.20
N ILE B 158 -2.07 12.64 17.28
CA ILE B 158 -2.71 11.34 17.21
C ILE B 158 -4.08 11.51 16.55
N PRO B 159 -4.35 10.79 15.46
CA PRO B 159 -5.64 10.99 14.76
C PRO B 159 -6.84 10.67 15.64
N SER B 160 -6.85 9.50 16.27
CA SER B 160 -7.94 9.09 17.17
C SER B 160 -7.32 8.33 18.32
N PRO B 161 -7.15 8.97 19.48
CA PRO B 161 -6.66 8.23 20.65
C PRO B 161 -7.64 7.13 21.02
N LEU B 162 -7.13 6.13 21.75
CA LEU B 162 -7.96 4.98 22.05
C LEU B 162 -9.00 5.34 23.10
N SER B 163 -10.15 4.69 22.99
CA SER B 163 -11.24 4.90 23.94
C SER B 163 -11.91 3.58 24.23
N ALA B 164 -12.38 3.43 25.46
CA ALA B 164 -13.08 2.22 25.86
C ALA B 164 -14.51 2.20 25.30
N ASP B 165 -15.08 3.37 25.03
CA ASP B 165 -16.49 3.48 24.66
C ASP B 165 -16.72 3.87 23.22
N SER B 166 -15.66 4.11 22.43
CA SER B 166 -15.84 4.59 21.07
C SER B 166 -14.88 3.89 20.11
N LEU B 167 -15.26 3.93 18.83
CA LEU B 167 -14.45 3.43 17.73
C LEU B 167 -14.35 4.51 16.67
N PRO B 168 -13.20 4.66 16.00
CA PRO B 168 -13.09 5.66 14.94
C PRO B 168 -13.95 5.30 13.75
N GLU B 169 -14.48 6.33 13.09
CA GLU B 169 -15.34 6.09 11.93
C GLU B 169 -14.57 5.47 10.78
N THR B 170 -13.29 5.80 10.65
CA THR B 170 -12.47 5.17 9.61
C THR B 170 -12.31 3.68 9.87
N ALA B 171 -12.19 3.30 11.15
CA ALA B 171 -12.11 1.88 11.48
C ALA B 171 -13.40 1.16 11.16
N ILE B 172 -14.55 1.81 11.38
CA ILE B 172 -15.83 1.17 11.09
C ILE B 172 -16.04 1.02 9.59
N MET B 173 -15.64 2.04 8.82
CA MET B 173 -15.85 1.98 7.38
C MET B 173 -15.00 0.90 6.75
N LEU B 174 -13.71 0.83 7.12
CA LEU B 174 -12.83 -0.18 6.57
C LEU B 174 -13.26 -1.58 6.96
N ALA B 175 -13.79 -1.74 8.18
CA ALA B 175 -14.29 -3.04 8.59
C ALA B 175 -15.55 -3.42 7.83
N ASP B 176 -16.41 -2.43 7.53
CA ASP B 176 -17.59 -2.71 6.71
C ASP B 176 -17.19 -3.01 5.27
N ALA B 177 -16.17 -2.34 4.76
CA ALA B 177 -15.70 -2.61 3.41
C ALA B 177 -15.10 -4.00 3.30
N SER B 178 -14.45 -4.47 4.37
CA SER B 178 -13.83 -5.80 4.34
C SER B 178 -14.89 -6.89 4.18
N LEU B 179 -15.97 -6.81 4.96
CA LEU B 179 -17.04 -7.78 4.81
C LEU B 179 -17.77 -7.60 3.48
N ALA B 180 -17.82 -6.38 2.97
CA ALA B 180 -18.57 -6.11 1.73
C ALA B 180 -17.93 -6.83 0.54
N VAL B 181 -16.59 -6.81 0.43
CA VAL B 181 -15.93 -7.44 -0.70
C VAL B 181 -16.11 -8.95 -0.69
N LEU B 182 -16.48 -9.54 0.44
CA LEU B 182 -16.76 -10.98 0.52
C LEU B 182 -18.25 -11.28 0.42
N GLY B 183 -19.09 -10.26 0.21
CA GLY B 183 -20.51 -10.48 0.13
C GLY B 183 -21.13 -10.96 1.42
N ALA B 184 -20.54 -10.62 2.56
CA ALA B 184 -21.07 -11.11 3.82
C ALA B 184 -21.89 -10.02 4.50
N PRO B 185 -23.00 -10.39 5.15
CA PRO B 185 -23.81 -9.39 5.85
C PRO B 185 -23.10 -8.89 7.10
N LEU B 186 -23.42 -7.66 7.48
CA LEU B 186 -22.78 -7.07 8.65
C LEU B 186 -23.46 -7.57 9.90
N PRO B 187 -22.71 -8.00 10.92
CA PRO B 187 -23.33 -8.51 12.13
C PRO B 187 -24.03 -7.40 12.90
N ALA B 188 -25.05 -7.79 13.66
CA ALA B 188 -25.78 -6.83 14.48
C ALA B 188 -24.87 -6.32 15.59
N ASP B 189 -24.84 -4.99 15.76
CA ASP B 189 -24.04 -4.35 16.80
C ASP B 189 -22.55 -4.71 16.65
N ARG B 190 -21.99 -4.31 15.50
CA ARG B 190 -20.57 -4.57 15.23
C ARG B 190 -19.70 -3.91 16.29
N VAL B 191 -19.90 -2.61 16.51
CA VAL B 191 -19.01 -1.83 17.36
C VAL B 191 -19.05 -2.28 18.82
N GLU B 192 -20.16 -2.87 19.28
CA GLU B 192 -20.30 -3.09 20.72
C GLU B 192 -19.84 -4.47 21.20
N LYS B 193 -19.62 -5.42 20.30
CA LYS B 193 -18.85 -6.61 20.70
C LYS B 193 -17.36 -6.39 20.53
N THR B 194 -16.97 -5.69 19.45
CA THR B 194 -15.56 -5.39 19.23
C THR B 194 -14.95 -4.70 20.45
N LEU B 195 -15.65 -3.74 21.03
CA LEU B 195 -15.17 -3.11 22.26
C LEU B 195 -15.08 -4.11 23.39
N GLU B 196 -16.00 -5.08 23.45
CA GLU B 196 -15.94 -6.13 24.44
C GLU B 196 -14.87 -7.15 24.12
N LEU B 197 -14.73 -7.53 22.84
CA LEU B 197 -13.69 -8.48 22.47
C LEU B 197 -12.31 -7.85 22.58
N ILE B 198 -12.20 -6.54 22.37
CA ILE B 198 -10.94 -5.85 22.63
C ILE B 198 -10.66 -5.81 24.13
N LYS B 199 -11.70 -5.58 24.93
CA LYS B 199 -11.56 -5.67 26.38
C LYS B 199 -11.25 -7.10 26.82
N GLN B 200 -11.75 -8.10 26.08
CA GLN B 200 -11.45 -9.50 26.40
C GLN B 200 -9.97 -9.79 26.26
N ALA B 201 -9.38 -9.43 25.12
CA ALA B 201 -8.00 -9.80 24.82
C ALA B 201 -6.97 -9.00 25.61
N ASP B 202 -7.38 -8.25 26.63
CA ASP B 202 -6.45 -7.55 27.52
C ASP B 202 -5.69 -6.46 26.77
#